data_9RXX
#
_entry.id   9RXX
#
_cell.length_a   36.232
_cell.length_b   52.753
_cell.length_c   45.959
_cell.angle_alpha   90.000
_cell.angle_beta   108.538
_cell.angle_gamma   90.000
#
_symmetry.space_group_name_H-M   'P 1 21 1'
#
loop_
_entity.id
_entity.type
_entity.pdbx_description
1 polymer 'Capsid protein'
2 water water
#
_entity_poly.entity_id   1
_entity_poly.type   'polypeptide(L)'
_entity_poly.pdbx_seq_one_letter_code
;MQSDTQEVNDITTLATLHYNGSTPADAFEAEVTNILDRLNNNGIPINNKVACQFIMRGLSGEYKSLRYARHRCIHMTVAD
LFSDIHSMYEEQQPLEH
;
_entity_poly.pdbx_strand_id   A,B
#
# COMPACT_ATOMS: atom_id res chain seq x y z
N SER A 3 16.08 1.43 -0.34
CA SER A 3 16.55 2.20 -1.52
C SER A 3 15.88 1.63 -2.78
N ASP A 4 16.21 0.36 -3.07
CA ASP A 4 15.53 -0.35 -4.13
C ASP A 4 14.10 -0.72 -3.71
N THR A 5 13.84 -0.69 -2.39
CA THR A 5 12.52 -1.03 -1.86
C THR A 5 11.81 0.21 -1.29
N GLN A 6 12.12 1.40 -1.81
CA GLN A 6 11.65 2.62 -1.16
C GLN A 6 10.15 2.76 -1.37
N GLU A 7 9.70 2.48 -2.60
CA GLU A 7 8.29 2.64 -2.96
C GLU A 7 7.45 1.64 -2.16
N VAL A 8 7.88 0.38 -2.10
CA VAL A 8 7.14 -0.64 -1.38
C VAL A 8 7.06 -0.28 0.09
N ASN A 9 8.17 0.18 0.64
CA ASN A 9 8.19 0.62 2.03
C ASN A 9 7.30 1.83 2.26
N ASP A 10 7.30 2.80 1.33
CA ASP A 10 6.52 4.03 1.45
C ASP A 10 5.05 3.69 1.34
N ILE A 11 4.69 2.80 0.42
CA ILE A 11 3.30 2.40 0.26
C ILE A 11 2.83 1.64 1.49
N THR A 12 3.64 0.72 1.99
CA THR A 12 3.30 -0.05 3.18
C THR A 12 3.04 0.90 4.36
N THR A 13 3.93 1.87 4.58
CA THR A 13 3.76 2.88 5.61
C THR A 13 2.44 3.63 5.48
N LEU A 14 2.17 4.16 4.29
CA LEU A 14 0.94 4.87 4.00
C LEU A 14 -0.29 4.03 4.38
N ALA A 15 -0.25 2.74 4.06
CA ALA A 15 -1.37 1.86 4.30
C ALA A 15 -1.45 1.45 5.77
N THR A 16 -0.44 1.78 6.60
CA THR A 16 -0.44 1.34 7.99
C THR A 16 -0.16 2.50 8.94
N LEU A 17 -0.51 3.73 8.54
CA LEU A 17 -0.31 4.92 9.38
C LEU A 17 -1.11 4.74 10.66
N HIS A 18 -0.52 5.23 11.77
CA HIS A 18 -1.25 5.34 13.02
C HIS A 18 -0.74 6.61 13.72
N TYR A 19 -1.70 7.37 14.25
CA TYR A 19 -1.41 8.58 14.99
C TYR A 19 -2.46 8.74 16.09
N ASN A 20 -2.02 8.92 17.34
CA ASN A 20 -2.99 9.13 18.42
C ASN A 20 -2.69 10.39 19.23
N GLY A 21 -1.83 11.28 18.73
CA GLY A 21 -1.54 12.50 19.44
C GLY A 21 -0.36 12.41 20.41
N SER A 22 0.21 11.22 20.57
CA SER A 22 1.29 11.02 21.55
C SER A 22 2.63 11.49 20.99
N THR A 23 2.70 11.80 19.70
CA THR A 23 3.88 12.39 19.11
C THR A 23 3.48 13.70 18.44
N PRO A 24 4.42 14.63 18.15
CA PRO A 24 4.06 15.91 17.54
C PRO A 24 3.34 15.71 16.21
N ALA A 25 2.33 16.53 15.98
CA ALA A 25 1.55 16.48 14.76
C ALA A 25 2.42 16.86 13.58
N ASP A 26 3.41 17.74 13.82
CA ASP A 26 4.31 18.17 12.77
C ASP A 26 5.09 16.98 12.23
N ALA A 27 5.48 16.06 13.11
CA ALA A 27 6.32 14.93 12.72
C ALA A 27 5.48 13.95 11.89
N PHE A 28 4.24 13.78 12.29
CA PHE A 28 3.30 12.96 11.53
C PHE A 28 3.06 13.58 10.15
N GLU A 29 2.73 14.86 10.10
CA GLU A 29 2.58 15.56 8.84
C GLU A 29 3.81 15.37 7.98
N ALA A 30 5.02 15.53 8.51
CA ALA A 30 6.26 15.39 7.75
C ALA A 30 6.40 14.01 7.10
N GLU A 31 6.19 12.97 7.91
CA GLU A 31 6.27 11.59 7.45
C GLU A 31 5.33 11.39 6.29
N VAL A 32 4.05 11.75 6.45
CA VAL A 32 3.06 11.53 5.41
C VAL A 32 3.39 12.34 4.15
N THR A 33 3.69 13.62 4.34
CA THR A 33 4.03 14.52 3.25
C THR A 33 5.15 13.95 2.40
N ASN A 34 6.20 13.46 3.05
CA ASN A 34 7.38 12.97 2.34
C ASN A 34 7.12 11.65 1.62
N ILE A 35 6.30 10.79 2.21
CA ILE A 35 5.86 9.57 1.53
C ILE A 35 5.16 9.95 0.24
N LEU A 36 4.22 10.88 0.35
CA LEU A 36 3.44 11.28 -0.82
C LEU A 36 4.35 11.90 -1.89
N ASP A 37 5.30 12.74 -1.45
CA ASP A 37 6.26 13.38 -2.34
C ASP A 37 7.09 12.34 -3.10
N ARG A 38 7.71 11.40 -2.37
CA ARG A 38 8.52 10.33 -2.95
C ARG A 38 7.71 9.43 -3.88
N LEU A 39 6.51 9.06 -3.49
CA LEU A 39 5.68 8.25 -4.36
C LEU A 39 5.39 9.02 -5.66
N ASN A 40 5.15 10.33 -5.53
CA ASN A 40 4.89 11.16 -6.70
C ASN A 40 6.10 11.16 -7.64
N ASN A 41 7.31 11.33 -7.08
CA ASN A 41 8.55 11.31 -7.82
C ASN A 41 8.75 9.98 -8.56
N ASN A 42 8.31 8.87 -7.97
CA ASN A 42 8.51 7.56 -8.54
C ASN A 42 7.36 7.22 -9.48
N GLY A 43 6.50 8.19 -9.75
CA GLY A 43 5.48 8.05 -10.78
C GLY A 43 4.25 7.33 -10.26
N ILE A 44 4.08 7.32 -8.93
CA ILE A 44 2.92 6.77 -8.27
C ILE A 44 2.22 7.94 -7.59
N PRO A 45 1.31 8.62 -8.30
CA PRO A 45 0.62 9.78 -7.74
C PRO A 45 -0.59 9.35 -6.92
N ILE A 46 -0.56 9.70 -5.63
CA ILE A 46 -1.67 9.46 -4.73
C ILE A 46 -2.47 10.75 -4.67
N ASN A 47 -3.72 10.72 -5.11
CA ASN A 47 -4.53 11.92 -5.19
C ASN A 47 -5.05 12.28 -3.79
N ASN A 48 -5.66 13.47 -3.69
CA ASN A 48 -6.06 14.04 -2.42
C ASN A 48 -7.01 13.09 -1.70
N LYS A 49 -7.93 12.48 -2.44
CA LYS A 49 -8.96 11.65 -1.82
C LYS A 49 -8.32 10.46 -1.15
N VAL A 50 -7.44 9.75 -1.89
CA VAL A 50 -6.84 8.52 -1.41
C VAL A 50 -5.93 8.80 -0.22
N ALA A 51 -5.10 9.83 -0.34
CA ALA A 51 -4.25 10.27 0.75
C ALA A 51 -5.08 10.53 2.00
N CYS A 52 -6.18 11.26 1.83
N CYS A 52 -6.18 11.27 1.82
CA CYS A 52 -7.06 11.61 2.93
CA CYS A 52 -7.09 11.63 2.91
C CYS A 52 -7.59 10.36 3.62
C CYS A 52 -7.59 10.36 3.61
N GLN A 53 -7.97 9.36 2.83
CA GLN A 53 -8.50 8.12 3.38
C GLN A 53 -7.47 7.35 4.19
N PHE A 54 -6.23 7.26 3.69
CA PHE A 54 -5.15 6.61 4.41
C PHE A 54 -4.88 7.32 5.73
N ILE A 55 -4.87 8.65 5.70
CA ILE A 55 -4.57 9.42 6.91
C ILE A 55 -5.68 9.18 7.92
N MET A 56 -6.95 9.28 7.49
CA MET A 56 -8.08 9.10 8.39
C MET A 56 -8.01 7.73 9.05
N ARG A 57 -7.74 6.68 8.25
CA ARG A 57 -7.67 5.34 8.76
C ARG A 57 -6.69 5.23 9.93
N GLY A 58 -5.64 6.05 9.90
CA GLY A 58 -4.58 5.96 10.89
C GLY A 58 -4.88 6.66 12.22
N LEU A 59 -5.95 7.45 12.31
CA LEU A 59 -6.19 8.31 13.47
C LEU A 59 -6.82 7.51 14.61
N SER A 60 -6.17 7.53 15.79
CA SER A 60 -6.63 6.81 16.97
C SER A 60 -6.70 7.77 18.16
N GLY A 61 -7.16 7.24 19.31
CA GLY A 61 -7.41 8.06 20.48
C GLY A 61 -8.48 9.11 20.21
N GLU A 62 -8.21 10.36 20.60
CA GLU A 62 -9.17 11.43 20.41
C GLU A 62 -9.32 11.75 18.92
N TYR A 63 -8.30 11.39 18.12
CA TYR A 63 -8.23 11.80 16.73
C TYR A 63 -9.19 11.02 15.85
N LYS A 64 -9.68 9.88 16.37
CA LYS A 64 -10.65 9.04 15.69
C LYS A 64 -11.82 9.87 15.18
N SER A 65 -12.18 10.90 15.96
CA SER A 65 -13.34 11.74 15.69
C SER A 65 -13.27 12.41 14.32
N LEU A 66 -12.06 12.69 13.82
CA LEU A 66 -11.93 13.35 12.52
C LEU A 66 -12.37 12.43 11.38
N ARG A 67 -12.55 11.13 11.67
CA ARG A 67 -12.85 10.13 10.66
C ARG A 67 -14.27 10.21 10.14
N TYR A 68 -15.16 10.95 10.80
CA TYR A 68 -16.54 10.99 10.32
C TYR A 68 -16.66 11.95 9.14
N ALA A 69 -15.53 12.56 8.71
CA ALA A 69 -15.48 13.37 7.51
C ALA A 69 -14.91 12.57 6.34
N ARG A 70 -14.53 11.30 6.57
CA ARG A 70 -13.92 10.44 5.55
C ARG A 70 -14.72 10.45 4.23
N HIS A 71 -16.04 10.63 4.32
CA HIS A 71 -16.89 10.58 3.14
C HIS A 71 -16.69 11.80 2.24
N ARG A 72 -16.20 12.91 2.77
CA ARG A 72 -15.90 14.12 2.00
C ARG A 72 -14.44 14.21 1.52
N CYS A 73 -13.66 13.12 1.67
CA CYS A 73 -12.25 13.13 1.32
C CYS A 73 -12.06 13.63 -0.13
N ILE A 74 -13.03 13.33 -1.00
CA ILE A 74 -13.00 13.77 -2.39
C ILE A 74 -12.82 15.28 -2.47
N HIS A 75 -13.53 16.03 -1.59
CA HIS A 75 -13.53 17.48 -1.62
C HIS A 75 -12.58 18.07 -0.59
N MET A 76 -12.20 17.26 0.41
CA MET A 76 -11.31 17.69 1.47
C MET A 76 -9.87 17.59 1.01
N THR A 77 -9.07 18.59 1.38
CA THR A 77 -7.66 18.62 1.03
C THR A 77 -6.84 18.03 2.19
N VAL A 78 -5.67 17.49 1.85
CA VAL A 78 -4.78 16.88 2.83
C VAL A 78 -4.35 17.96 3.83
N ALA A 79 -4.11 19.17 3.31
CA ALA A 79 -3.75 20.32 4.14
C ALA A 79 -4.85 20.62 5.16
N ASP A 80 -6.12 20.56 4.76
CA ASP A 80 -7.25 20.81 5.64
C ASP A 80 -7.25 19.78 6.77
N LEU A 81 -7.02 18.51 6.41
CA LEU A 81 -7.02 17.45 7.40
C LEU A 81 -5.88 17.65 8.39
N PHE A 82 -4.70 18.02 7.90
CA PHE A 82 -3.57 18.21 8.77
C PHE A 82 -3.82 19.39 9.71
N SER A 83 -4.53 20.41 9.23
CA SER A 83 -4.96 21.54 10.07
C SER A 83 -5.73 21.07 11.29
N ASP A 84 -6.71 20.21 11.05
CA ASP A 84 -7.58 19.69 12.09
C ASP A 84 -6.79 18.85 13.09
N ILE A 85 -5.87 18.01 12.58
CA ILE A 85 -5.01 17.23 13.45
C ILE A 85 -4.15 18.19 14.29
N HIS A 86 -3.61 19.24 13.66
CA HIS A 86 -2.78 20.19 14.36
C HIS A 86 -3.58 20.88 15.45
N SER A 87 -4.79 21.31 15.09
CA SER A 87 -5.69 21.97 16.02
C SER A 87 -5.99 21.09 17.22
N MET A 88 -6.22 19.80 16.98
CA MET A 88 -6.51 18.88 18.05
C MET A 88 -5.28 18.68 18.92
N TYR A 89 -4.11 18.64 18.28
CA TYR A 89 -2.85 18.48 18.99
C TYR A 89 -2.64 19.64 19.95
N GLU A 90 -2.81 20.87 19.44
CA GLU A 90 -2.69 22.09 20.23
C GLU A 90 -3.63 22.07 21.42
N GLU A 91 -4.91 21.76 21.20
CA GLU A 91 -5.91 21.72 22.26
C GLU A 91 -5.91 20.37 22.95
N GLN A 92 -4.75 19.69 22.98
CA GLN A 92 -4.48 18.62 23.93
C GLN A 92 -3.29 19.00 24.81
N GLN A 93 -2.45 19.95 24.35
CA GLN A 93 -1.17 20.26 24.99
C GLN A 93 -1.41 21.17 26.19
N PRO A 94 -0.52 21.12 27.22
N ASP B 4 -16.00 3.77 -3.02
CA ASP B 4 -15.18 5.01 -3.05
C ASP B 4 -13.84 4.80 -2.34
N THR B 5 -13.68 3.67 -1.67
CA THR B 5 -12.42 3.31 -1.01
C THR B 5 -11.72 2.16 -1.75
N GLN B 6 -11.86 2.11 -3.08
CA GLN B 6 -11.38 0.97 -3.83
C GLN B 6 -9.86 0.98 -3.86
N GLU B 7 -9.27 2.16 -4.04
CA GLU B 7 -7.83 2.31 -4.15
C GLU B 7 -7.17 1.93 -2.82
N VAL B 8 -7.71 2.45 -1.72
CA VAL B 8 -7.16 2.18 -0.41
C VAL B 8 -7.25 0.68 -0.12
N ASN B 9 -8.39 0.08 -0.46
CA ASN B 9 -8.57 -1.34 -0.27
C ASN B 9 -7.61 -2.16 -1.15
N ASP B 10 -7.42 -1.75 -2.41
CA ASP B 10 -6.57 -2.45 -3.36
C ASP B 10 -5.12 -2.35 -2.91
N ILE B 11 -4.71 -1.15 -2.43
CA ILE B 11 -3.35 -0.97 -1.97
C ILE B 11 -3.12 -1.79 -0.69
N THR B 12 -4.09 -1.77 0.23
CA THR B 12 -3.97 -2.50 1.48
C THR B 12 -3.79 -3.99 1.15
N THR B 13 -4.62 -4.54 0.26
CA THR B 13 -4.49 -5.92 -0.17
C THR B 13 -3.09 -6.23 -0.73
N LEU B 14 -2.63 -5.44 -1.70
CA LEU B 14 -1.30 -5.58 -2.26
C LEU B 14 -0.21 -5.63 -1.18
N ALA B 15 -0.35 -4.80 -0.16
CA ALA B 15 0.64 -4.69 0.89
C ALA B 15 0.50 -5.81 1.90
N THR B 16 -0.57 -6.63 1.83
CA THR B 16 -0.79 -7.67 2.82
C THR B 16 -1.09 -9.02 2.15
N LEU B 17 -0.55 -9.23 0.95
CA LEU B 17 -0.78 -10.49 0.23
C LEU B 17 -0.23 -11.65 1.03
N HIS B 18 -0.93 -12.79 0.93
CA HIS B 18 -0.41 -14.03 1.48
C HIS B 18 -0.76 -15.16 0.52
N TYR B 19 0.27 -15.94 0.19
CA TYR B 19 0.06 -17.12 -0.62
C TYR B 19 1.02 -18.23 -0.17
N ASN B 20 0.47 -19.42 0.13
CA ASN B 20 1.28 -20.56 0.53
C ASN B 20 0.92 -21.81 -0.26
N GLY B 21 0.22 -21.68 -1.39
CA GLY B 21 -0.11 -22.83 -2.21
C GLY B 21 -1.42 -23.53 -1.82
N SER B 22 -2.10 -23.06 -0.77
CA SER B 22 -3.30 -23.72 -0.27
C SER B 22 -4.52 -23.41 -1.14
N THR B 23 -4.39 -22.42 -2.01
CA THR B 23 -5.44 -22.09 -2.96
C THR B 23 -4.80 -22.10 -4.36
N PRO B 24 -5.61 -22.18 -5.44
CA PRO B 24 -5.07 -22.23 -6.78
C PRO B 24 -4.23 -20.99 -7.07
N ALA B 25 -3.11 -21.22 -7.77
CA ALA B 25 -2.23 -20.14 -8.17
C ALA B 25 -2.96 -19.23 -9.15
N ASP B 26 -3.87 -19.80 -9.95
CA ASP B 26 -4.64 -18.99 -10.90
C ASP B 26 -5.46 -17.92 -10.18
N ALA B 27 -6.02 -18.27 -9.02
CA ALA B 27 -6.86 -17.33 -8.29
C ALA B 27 -6.00 -16.22 -7.67
N PHE B 28 -4.84 -16.60 -7.19
CA PHE B 28 -3.88 -15.63 -6.66
C PHE B 28 -3.42 -14.67 -7.76
N GLU B 29 -2.96 -15.23 -8.88
CA GLU B 29 -2.64 -14.41 -10.04
C GLU B 29 -3.78 -13.46 -10.38
N ALA B 30 -5.03 -13.95 -10.45
CA ALA B 30 -6.16 -13.11 -10.82
C ALA B 30 -6.36 -11.91 -9.89
N GLU B 31 -6.33 -12.19 -8.59
CA GLU B 31 -6.49 -11.17 -7.57
C GLU B 31 -5.46 -10.07 -7.78
N VAL B 32 -4.17 -10.47 -7.86
CA VAL B 32 -3.10 -9.48 -7.92
C VAL B 32 -3.18 -8.71 -9.24
N THR B 33 -3.38 -9.43 -10.35
CA THR B 33 -3.47 -8.84 -11.68
C THR B 33 -4.53 -7.75 -11.72
N ASN B 34 -5.70 -8.05 -11.16
CA ASN B 34 -6.83 -7.12 -11.21
C ASN B 34 -6.64 -5.92 -10.29
N ILE B 35 -5.98 -6.11 -9.13
CA ILE B 35 -5.57 -5.01 -8.28
C ILE B 35 -4.69 -4.07 -9.08
N LEU B 36 -3.68 -4.63 -9.74
CA LEU B 36 -2.74 -3.81 -10.48
C LEU B 36 -3.45 -3.05 -11.61
N ASP B 37 -4.36 -3.74 -12.30
CA ASP B 37 -5.15 -3.15 -13.39
C ASP B 37 -5.97 -1.97 -12.89
N ARG B 38 -6.79 -2.19 -11.85
CA ARG B 38 -7.62 -1.17 -11.24
C ARG B 38 -6.80 0.00 -10.70
N LEU B 39 -5.68 -0.27 -10.02
CA LEU B 39 -4.87 0.82 -9.51
C LEU B 39 -4.36 1.65 -10.69
N ASN B 40 -4.00 0.96 -11.79
CA ASN B 40 -3.51 1.65 -12.98
C ASN B 40 -4.57 2.60 -13.51
N ASN B 41 -5.81 2.09 -13.61
CA ASN B 41 -6.95 2.85 -14.08
C ASN B 41 -7.20 4.08 -13.22
N ASN B 42 -6.97 3.95 -11.91
CA ASN B 42 -7.29 5.01 -10.97
C ASN B 42 -6.08 5.93 -10.79
N GLY B 43 -5.10 5.78 -11.68
CA GLY B 43 -4.01 6.73 -11.78
C GLY B 43 -2.93 6.50 -10.74
N ILE B 44 -2.90 5.27 -10.19
CA ILE B 44 -1.87 4.85 -9.26
C ILE B 44 -1.14 3.72 -9.97
N PRO B 45 -0.11 4.04 -10.76
CA PRO B 45 0.56 3.05 -11.58
C PRO B 45 1.66 2.37 -10.78
N ILE B 46 1.47 1.06 -10.52
CA ILE B 46 2.45 0.25 -9.84
C ILE B 46 3.25 -0.46 -10.93
N ASN B 47 4.55 -0.18 -11.01
CA ASN B 47 5.38 -0.74 -12.06
C ASN B 47 5.76 -2.18 -11.68
N ASN B 48 6.39 -2.86 -12.63
CA ASN B 48 6.76 -4.26 -12.52
C ASN B 48 7.58 -4.51 -11.27
N LYS B 49 8.54 -3.61 -10.96
CA LYS B 49 9.44 -3.84 -9.86
C LYS B 49 8.67 -3.88 -8.55
N VAL B 50 7.85 -2.85 -8.32
CA VAL B 50 7.14 -2.71 -7.07
C VAL B 50 6.14 -3.85 -6.89
N ALA B 51 5.36 -4.14 -7.93
CA ALA B 51 4.46 -5.27 -7.93
C ALA B 51 5.18 -6.57 -7.54
N CYS B 52 6.33 -6.80 -8.16
N CYS B 52 6.31 -6.86 -8.18
CA CYS B 52 7.12 -8.00 -7.91
CA CYS B 52 7.03 -8.07 -7.86
C CYS B 52 7.50 -8.10 -6.44
C CYS B 52 7.40 -8.11 -6.38
N GLN B 53 7.90 -6.98 -5.84
CA GLN B 53 8.29 -6.93 -4.45
C GLN B 53 7.13 -7.23 -3.50
N PHE B 54 5.95 -6.68 -3.78
CA PHE B 54 4.77 -6.98 -3.00
C PHE B 54 4.39 -8.45 -3.08
N ILE B 55 4.48 -9.03 -4.28
CA ILE B 55 4.15 -10.44 -4.46
C ILE B 55 5.12 -11.30 -3.66
N MET B 56 6.43 -11.02 -3.76
CA MET B 56 7.43 -11.79 -3.06
C MET B 56 7.17 -11.75 -1.55
N ARG B 57 6.89 -10.55 -1.03
CA ARG B 57 6.65 -10.37 0.40
CA ARG B 57 6.68 -10.40 0.41
C ARG B 57 5.53 -11.28 0.90
N GLY B 58 4.55 -11.57 0.02
CA GLY B 58 3.37 -12.32 0.42
C GLY B 58 3.53 -13.83 0.40
N LEU B 59 4.66 -14.35 -0.09
CA LEU B 59 4.84 -15.78 -0.27
C LEU B 59 5.23 -16.45 1.05
N SER B 60 4.47 -17.48 1.45
CA SER B 60 4.68 -18.21 2.70
C SER B 60 4.70 -19.72 2.44
N GLY B 61 4.95 -20.50 3.49
CA GLY B 61 5.12 -21.95 3.34
C GLY B 61 6.32 -22.28 2.44
N GLU B 62 6.11 -23.19 1.49
CA GLU B 62 7.20 -23.60 0.59
C GLU B 62 7.55 -22.45 -0.34
N TYR B 63 6.62 -21.50 -0.53
CA TYR B 63 6.77 -20.46 -1.53
C TYR B 63 7.75 -19.37 -1.08
N LYS B 64 8.04 -19.32 0.23
CA LYS B 64 8.97 -18.35 0.80
C LYS B 64 10.31 -18.43 0.06
N SER B 65 10.67 -19.63 -0.39
CA SER B 65 11.94 -19.88 -1.04
C SER B 65 12.12 -19.05 -2.31
N LEU B 66 11.03 -18.67 -2.98
CA LEU B 66 11.11 -17.89 -4.21
C LEU B 66 11.62 -16.47 -3.91
N ARG B 67 11.65 -16.08 -2.63
CA ARG B 67 11.97 -14.70 -2.26
C ARG B 67 13.46 -14.41 -2.32
N TYR B 68 14.16 -14.94 -3.33
CA TYR B 68 15.59 -14.70 -3.43
C TYR B 68 15.98 -14.24 -4.83
N ALA B 69 14.98 -14.03 -5.72
CA ALA B 69 15.18 -13.29 -6.96
C ALA B 69 14.72 -11.84 -6.81
N ARG B 70 14.22 -11.48 -5.60
CA ARG B 70 13.62 -10.20 -5.28
C ARG B 70 14.51 -9.03 -5.72
N HIS B 71 15.84 -9.23 -5.71
CA HIS B 71 16.77 -8.16 -6.02
C HIS B 71 16.69 -7.76 -7.50
N ARG B 72 16.24 -8.68 -8.36
CA ARG B 72 16.19 -8.43 -9.80
C ARG B 72 14.77 -8.08 -10.23
N CYS B 73 13.89 -7.74 -9.28
CA CYS B 73 12.51 -7.39 -9.60
C CYS B 73 12.50 -6.29 -10.67
N ILE B 74 13.51 -5.41 -10.69
CA ILE B 74 13.63 -4.37 -11.70
C ILE B 74 13.54 -4.96 -13.11
N HIS B 75 14.25 -6.09 -13.31
CA HIS B 75 14.37 -6.72 -14.62
C HIS B 75 13.40 -7.89 -14.76
N MET B 76 12.93 -8.43 -13.63
CA MET B 76 12.00 -9.55 -13.62
C MET B 76 10.59 -9.01 -13.81
N THR B 77 9.79 -9.74 -14.59
CA THR B 77 8.43 -9.34 -14.89
C THR B 77 7.49 -10.06 -13.93
N VAL B 78 6.33 -9.46 -13.69
CA VAL B 78 5.30 -10.02 -12.82
C VAL B 78 4.86 -11.37 -13.42
N ALA B 79 4.73 -11.41 -14.75
CA ALA B 79 4.39 -12.64 -15.46
C ALA B 79 5.43 -13.74 -15.20
N ASP B 80 6.71 -13.39 -15.18
CA ASP B 80 7.78 -14.35 -14.93
C ASP B 80 7.63 -14.93 -13.52
N LEU B 81 7.37 -14.05 -12.54
CA LEU B 81 7.20 -14.49 -11.17
C LEU B 81 5.97 -15.40 -11.06
N PHE B 82 4.87 -15.05 -11.72
CA PHE B 82 3.68 -15.88 -11.61
C PHE B 82 3.93 -17.24 -12.26
N SER B 83 4.74 -17.29 -13.32
CA SER B 83 5.17 -18.55 -13.92
C SER B 83 5.79 -19.48 -12.89
N ASP B 84 6.73 -18.93 -12.11
CA ASP B 84 7.48 -19.68 -11.11
C ASP B 84 6.55 -20.15 -9.99
N ILE B 85 5.61 -19.28 -9.56
CA ILE B 85 4.62 -19.70 -8.60
C ILE B 85 3.78 -20.83 -9.18
N HIS B 86 3.35 -20.69 -10.44
CA HIS B 86 2.53 -21.70 -11.08
C HIS B 86 3.31 -23.01 -11.12
N SER B 87 4.59 -22.94 -11.54
CA SER B 87 5.46 -24.11 -11.61
C SER B 87 5.55 -24.83 -10.27
N MET B 88 5.70 -24.05 -9.19
CA MET B 88 5.80 -24.62 -7.86
C MET B 88 4.46 -25.23 -7.44
N TYR B 89 3.36 -24.55 -7.79
CA TYR B 89 2.02 -25.05 -7.50
C TYR B 89 1.79 -26.41 -8.17
N GLU B 90 2.11 -26.53 -9.46
CA GLU B 90 1.97 -27.76 -10.22
C GLU B 90 2.77 -28.88 -9.55
N GLU B 91 4.04 -28.64 -9.22
CA GLU B 91 4.87 -29.65 -8.61
C GLU B 91 4.20 -30.20 -7.35
N GLN B 92 3.50 -29.32 -6.61
CA GLN B 92 2.99 -29.68 -5.30
C GLN B 92 1.71 -30.50 -5.41
N GLN B 93 1.06 -30.47 -6.58
CA GLN B 93 -0.23 -31.13 -6.79
C GLN B 93 -0.04 -32.63 -7.05
N PRO B 94 -1.11 -33.45 -6.89
CA PRO B 94 -1.10 -34.84 -7.33
C PRO B 94 -0.86 -34.99 -8.85
#